data_1MCP
#
_entry.id   1MCP
#
_cell.length_a   162.531
_cell.length_b   162.531
_cell.length_c   60.719
_cell.angle_alpha   90.00
_cell.angle_beta   90.00
_cell.angle_gamma   120.00
#
_symmetry.space_group_name_H-M   'P 63'
#
loop_
_entity.id
_entity.type
_entity.pdbx_description
1 polymer 'IGA-KAPPA MCPC603 FAB (LIGHT CHAIN)'
2 polymer 'IGA-KAPPA MCPC603 FAB (HEAVY CHAIN)'
3 non-polymer 'SULFATE ION'
4 water water
#
loop_
_entity_poly.entity_id
_entity_poly.type
_entity_poly.pdbx_seq_one_letter_code
_entity_poly.pdbx_strand_id
1 'polypeptide(L)'
;DIVMTQSPSSLSVSAGERVTMSCKSSQSLLNSGNQKNFLAWYQQKPGQPPKLLIYGASTRESGVPDRFTGSGSGTDFTLT
ISSVQAEDLAVYYCQNDHSYPLTFGAGTKLEIKRADAAPTVSIFPPSSEQLTSGGASVVCFLNNFYPKDINVKWKIDGSE
RQNGVLNSWTDQDSKDSTYSMSSTLTLTKDEYERHNSYTCEATHKTSTSPIVKSFNRNEC
;
L
2 'polypeptide(L)'
;EVKLVESGGGLVQPGGSLRLSCATSGFTFSDFYMEWVRQPPGKRLEWIAASRNKGNKYTTEYSASVKGRFIVSRDTSQSI
LYLQMNALRAEDTAIYYCARNYYGSTWYFDVWGAGTTVTVSSESARNPTIYPLTLPPALSSDPVIIGCLIHDYFPSGTMN
VTWGKSGKDITTVNFPPALASGGRYTMSNQLTLPAVECPEGESVKCSVQHDSNPVQELDVNC
;
H
#
loop_
_chem_comp.id
_chem_comp.type
_chem_comp.name
_chem_comp.formula
SO4 non-polymer 'SULFATE ION' 'O4 S -2'
#
# COMPACT_ATOMS: atom_id res chain seq x y z
N ASP A 1 1.82 -19.19 -22.67
CA ASP A 1 1.18 -18.59 -21.49
C ASP A 1 -0.28 -18.99 -21.41
N ILE A 2 -0.71 -19.13 -20.21
CA ILE A 2 -2.08 -19.59 -19.81
C ILE A 2 -2.58 -18.40 -19.05
N VAL A 3 -3.65 -17.86 -19.60
CA VAL A 3 -4.27 -16.58 -19.16
C VAL A 3 -5.39 -16.90 -18.18
N MET A 4 -5.50 -16.14 -17.12
CA MET A 4 -6.47 -16.29 -16.05
C MET A 4 -7.44 -15.10 -16.11
N THR A 5 -8.70 -15.42 -16.36
CA THR A 5 -9.68 -14.32 -16.44
C THR A 5 -10.47 -14.19 -15.16
N GLN A 6 -10.36 -13.03 -14.54
CA GLN A 6 -11.10 -12.73 -13.32
C GLN A 6 -12.13 -11.59 -13.56
N SER A 7 -13.30 -11.87 -13.02
CA SER A 7 -14.47 -11.00 -13.06
C SER A 7 -15.37 -11.25 -11.87
N PRO A 8 -16.11 -10.26 -11.38
CA PRO A 8 -16.05 -8.85 -11.86
C PRO A 8 -14.67 -8.45 -11.33
N SER A 9 -14.30 -7.23 -11.63
CA SER A 9 -12.93 -6.84 -11.16
C SER A 9 -13.06 -5.85 -10.01
N SER A 10 -14.27 -5.55 -9.68
CA SER A 10 -14.71 -4.70 -8.59
C SER A 10 -16.07 -5.26 -8.09
N LEU A 11 -16.21 -5.31 -6.80
CA LEU A 11 -17.33 -5.81 -6.03
C LEU A 11 -17.56 -4.83 -4.87
N SER A 12 -18.83 -4.43 -4.83
CA SER A 12 -19.26 -3.49 -3.79
C SER A 12 -20.48 -4.09 -3.09
N VAL A 13 -20.26 -4.61 -1.90
CA VAL A 13 -21.30 -5.26 -1.11
C VAL A 13 -21.43 -4.61 0.26
N SER A 14 -22.60 -4.86 0.88
CA SER A 14 -22.88 -4.31 2.18
C SER A 14 -22.42 -5.15 3.34
N ALA A 15 -21.80 -6.29 3.15
CA ALA A 15 -21.22 -6.90 4.42
C ALA A 15 -22.40 -7.68 5.01
N GLY A 16 -22.15 -8.85 5.48
CA GLY A 16 -23.22 -9.72 5.97
C GLY A 16 -23.76 -10.37 4.70
N GLU A 17 -23.42 -9.86 3.55
CA GLU A 17 -23.77 -10.44 2.27
C GLU A 17 -22.91 -11.65 1.86
N ARG A 18 -23.31 -12.26 0.76
CA ARG A 18 -22.66 -13.48 0.22
C ARG A 18 -22.26 -13.14 -1.20
N VAL A 19 -21.05 -13.47 -1.56
CA VAL A 19 -20.40 -13.01 -2.82
C VAL A 19 -19.71 -14.13 -3.54
N THR A 20 -19.49 -14.04 -4.82
CA THR A 20 -18.79 -15.06 -5.62
C THR A 20 -18.08 -14.35 -6.75
N MET A 21 -16.77 -14.43 -6.79
CA MET A 21 -15.92 -13.87 -7.86
C MET A 21 -15.60 -15.11 -8.70
N SER A 22 -15.25 -14.98 -9.93
CA SER A 22 -14.90 -16.16 -10.73
C SER A 22 -13.50 -15.96 -11.30
N CYS A 23 -13.04 -17.04 -11.88
CA CYS A 23 -11.70 -17.07 -12.46
C CYS A 23 -11.57 -18.26 -13.42
N LYS A 24 -11.61 -18.01 -14.72
CA LYS A 24 -11.42 -19.09 -15.70
C LYS A 24 -9.96 -19.07 -16.16
N SER A 25 -9.55 -20.15 -16.78
CA SER A 25 -8.18 -20.19 -17.36
C SER A 25 -8.39 -20.56 -18.82
N SER A 26 -7.43 -20.33 -19.65
CA SER A 26 -7.52 -20.67 -21.07
C SER A 26 -7.12 -22.11 -21.32
N GLN A 27 -6.56 -22.73 -20.32
CA GLN A 27 -6.08 -24.11 -20.36
C GLN A 27 -6.28 -24.74 -18.97
N SER A 28 -6.55 -26.01 -19.06
CA SER A 28 -6.81 -26.89 -17.92
C SER A 28 -5.66 -26.86 -16.95
N LEU A 29 -6.01 -26.84 -15.68
CA LEU A 29 -4.98 -26.83 -14.60
C LEU A 29 -4.99 -28.17 -13.89
N LEU A 30 -5.85 -29.04 -14.40
CA LEU A 30 -6.09 -30.37 -13.86
C LEU A 30 -5.14 -31.40 -14.43
N ASN A 31 -4.54 -32.22 -13.58
CA ASN A 31 -3.64 -33.29 -14.10
C ASN A 31 -4.49 -34.37 -14.76
N SER A 32 -3.88 -35.24 -15.55
CA SER A 32 -4.69 -36.37 -16.12
C SER A 32 -4.31 -37.57 -15.22
N GLY A 33 -3.84 -37.26 -14.02
CA GLY A 33 -2.91 -38.27 -13.33
C GLY A 33 -3.10 -38.40 -11.84
N ASN A 34 -3.25 -37.28 -11.18
CA ASN A 34 -3.56 -37.26 -9.73
C ASN A 34 -4.97 -36.67 -9.57
N GLN A 35 -5.36 -35.97 -10.63
CA GLN A 35 -6.71 -35.35 -10.61
C GLN A 35 -6.76 -34.34 -9.46
N LYS A 36 -6.23 -33.19 -9.75
CA LYS A 36 -6.20 -32.11 -8.72
C LYS A 36 -5.93 -30.87 -9.55
N ASN A 37 -6.53 -29.77 -9.18
CA ASN A 37 -6.30 -28.56 -10.04
C ASN A 37 -5.15 -27.81 -9.34
N PHE A 38 -4.31 -27.21 -10.13
CA PHE A 38 -3.18 -26.39 -9.63
C PHE A 38 -3.60 -24.93 -9.78
N LEU A 39 -4.53 -24.53 -8.97
CA LEU A 39 -5.06 -23.19 -8.92
C LEU A 39 -5.03 -22.67 -7.48
N ALA A 40 -4.48 -21.51 -7.23
CA ALA A 40 -4.47 -20.97 -5.84
C ALA A 40 -5.18 -19.63 -5.81
N TRP A 41 -5.61 -19.20 -4.66
CA TRP A 41 -6.31 -17.95 -4.44
C TRP A 41 -5.54 -17.22 -3.34
N TYR A 42 -5.31 -15.95 -3.55
CA TYR A 42 -4.52 -15.17 -2.56
C TYR A 42 -5.39 -13.95 -2.23
N GLN A 43 -5.27 -13.48 -1.05
CA GLN A 43 -5.96 -12.26 -0.61
C GLN A 43 -4.85 -11.23 -0.36
N GLN A 44 -5.01 -10.04 -0.82
CA GLN A 44 -4.05 -8.95 -0.68
C GLN A 44 -4.72 -7.74 -0.03
N LYS A 45 -4.59 -7.60 1.27
CA LYS A 45 -5.15 -6.37 1.92
C LYS A 45 -4.28 -5.20 1.47
N PRO A 46 -4.82 -4.00 1.60
CA PRO A 46 -4.16 -2.77 1.17
C PRO A 46 -2.83 -2.58 1.88
N GLY A 47 -1.76 -2.61 1.12
CA GLY A 47 -0.41 -2.45 1.64
C GLY A 47 0.19 -3.59 2.34
N GLN A 48 -0.13 -4.82 2.00
CA GLN A 48 0.47 -6.02 2.63
C GLN A 48 0.77 -6.95 1.47
N PRO A 49 1.59 -7.93 1.70
CA PRO A 49 1.87 -8.94 0.67
C PRO A 49 0.61 -9.81 0.56
N PRO A 50 0.60 -10.59 -0.49
CA PRO A 50 -0.49 -11.57 -0.71
C PRO A 50 -0.39 -12.65 0.35
N LYS A 51 -1.46 -13.34 0.67
CA LYS A 51 -1.55 -14.44 1.61
C LYS A 51 -2.48 -15.53 1.11
N LEU A 52 -2.03 -16.76 1.18
CA LEU A 52 -2.71 -17.98 0.76
C LEU A 52 -4.12 -18.07 1.33
N LEU A 53 -5.07 -18.24 0.42
CA LEU A 53 -6.46 -18.47 0.81
C LEU A 53 -6.86 -19.93 0.61
N ILE A 54 -6.91 -20.38 -0.62
CA ILE A 54 -7.41 -21.74 -0.98
C ILE A 54 -6.35 -22.34 -1.91
N TYR A 55 -5.99 -23.59 -1.81
CA TYR A 55 -5.05 -24.19 -2.80
C TYR A 55 -5.76 -25.43 -3.37
N GLY A 56 -5.29 -26.05 -4.41
CA GLY A 56 -6.16 -27.19 -4.97
C GLY A 56 -7.29 -26.26 -5.41
N ALA A 57 -8.46 -26.60 -5.76
CA ALA A 57 -9.34 -25.39 -6.19
C ALA A 57 -10.14 -25.07 -4.95
N SER A 58 -10.02 -26.01 -3.98
CA SER A 58 -10.83 -26.00 -2.79
C SER A 58 -10.32 -26.15 -1.41
N THR A 59 -9.08 -26.34 -1.10
CA THR A 59 -8.63 -26.53 0.28
C THR A 59 -8.37 -25.15 0.87
N ARG A 60 -8.98 -24.86 1.94
CA ARG A 60 -8.97 -23.64 2.72
C ARG A 60 -7.74 -23.74 3.60
N GLU A 61 -6.91 -22.72 3.58
CA GLU A 61 -5.64 -22.83 4.32
C GLU A 61 -5.98 -22.64 5.78
N SER A 62 -5.38 -23.40 6.64
CA SER A 62 -5.52 -23.34 8.11
C SER A 62 -5.40 -21.91 8.60
N GLY A 63 -6.30 -21.52 9.46
CA GLY A 63 -6.41 -20.18 10.02
C GLY A 63 -7.38 -19.31 9.25
N VAL A 64 -7.69 -19.60 7.99
CA VAL A 64 -8.65 -18.80 7.20
C VAL A 64 -10.07 -19.15 7.68
N PRO A 65 -10.91 -18.11 7.77
CA PRO A 65 -12.29 -18.29 8.28
C PRO A 65 -13.07 -19.10 7.29
N ASP A 66 -13.98 -19.90 7.81
CA ASP A 66 -14.78 -20.86 7.03
C ASP A 66 -15.78 -20.11 6.17
N ARG A 67 -15.69 -18.80 6.19
CA ARG A 67 -16.53 -17.96 5.33
C ARG A 67 -16.10 -18.16 3.90
N PHE A 68 -14.82 -18.45 3.75
CA PHE A 68 -14.20 -18.56 2.40
C PHE A 68 -14.23 -20.01 1.91
N THR A 69 -14.72 -20.18 0.72
CA THR A 69 -14.89 -21.49 0.06
C THR A 69 -14.55 -21.30 -1.41
N GLY A 70 -14.05 -22.29 -2.08
CA GLY A 70 -13.87 -22.18 -3.53
C GLY A 70 -14.23 -23.53 -4.15
N SER A 71 -14.74 -23.56 -5.35
CA SER A 71 -15.05 -24.72 -6.13
C SER A 71 -14.49 -24.57 -7.55
N GLY A 72 -14.81 -25.60 -8.32
CA GLY A 72 -14.51 -25.64 -9.74
C GLY A 72 -13.36 -26.60 -10.02
N SER A 73 -13.22 -26.84 -11.30
CA SER A 73 -12.12 -27.72 -11.77
C SER A 73 -12.02 -27.52 -13.28
N GLY A 74 -10.90 -27.90 -13.85
CA GLY A 74 -10.63 -27.67 -15.28
C GLY A 74 -10.41 -26.21 -15.54
N THR A 75 -11.41 -25.53 -16.09
CA THR A 75 -11.25 -24.10 -16.42
C THR A 75 -12.06 -23.10 -15.69
N ASP A 76 -13.17 -23.40 -15.05
CA ASP A 76 -13.92 -22.35 -14.31
C ASP A 76 -14.03 -22.61 -12.81
N PHE A 77 -13.42 -21.75 -12.02
CA PHE A 77 -13.28 -21.81 -10.57
C PHE A 77 -13.98 -20.57 -10.01
N THR A 78 -14.35 -20.66 -8.76
CA THR A 78 -15.04 -19.54 -8.08
C THR A 78 -14.55 -19.48 -6.64
N LEU A 79 -14.80 -18.42 -5.96
CA LEU A 79 -14.49 -18.15 -4.56
C LEU A 79 -15.73 -17.42 -3.97
N THR A 80 -16.37 -18.01 -3.01
CA THR A 80 -17.53 -17.40 -2.35
C THR A 80 -17.07 -17.00 -0.97
N ILE A 81 -17.39 -15.84 -0.52
CA ILE A 81 -17.11 -15.42 0.89
C ILE A 81 -18.58 -15.37 1.42
N SER A 82 -18.88 -16.14 2.42
CA SER A 82 -20.24 -16.30 2.83
C SER A 82 -20.84 -15.15 3.57
N SER A 83 -20.11 -14.41 4.36
CA SER A 83 -20.70 -13.27 5.11
C SER A 83 -19.65 -12.15 5.19
N VAL A 84 -19.61 -11.32 4.17
CA VAL A 84 -18.66 -10.23 4.02
C VAL A 84 -18.60 -9.41 5.31
N GLN A 85 -17.39 -9.08 5.70
CA GLN A 85 -17.00 -8.33 6.87
C GLN A 85 -15.99 -7.26 6.49
N ALA A 86 -15.90 -6.24 7.33
CA ALA A 86 -15.02 -5.11 7.03
C ALA A 86 -13.59 -5.50 6.87
N GLU A 87 -13.12 -6.66 7.21
CA GLU A 87 -11.65 -6.91 7.09
C GLU A 87 -11.39 -7.45 5.68
N ASP A 88 -12.46 -8.00 5.17
CA ASP A 88 -12.45 -8.75 3.94
C ASP A 88 -12.02 -7.90 2.77
N LEU A 89 -11.90 -6.63 2.97
CA LEU A 89 -11.56 -5.61 1.96
C LEU A 89 -10.16 -5.96 1.45
N ALA A 90 -10.05 -6.38 0.22
CA ALA A 90 -8.76 -6.78 -0.34
C ALA A 90 -8.86 -6.96 -1.82
N VAL A 91 -7.79 -7.34 -2.51
CA VAL A 91 -7.87 -7.81 -3.89
C VAL A 91 -7.63 -9.33 -3.74
N TYR A 92 -8.33 -10.11 -4.49
CA TYR A 92 -8.32 -11.56 -4.47
C TYR A 92 -7.83 -12.02 -5.83
N TYR A 93 -6.61 -12.56 -5.82
CA TYR A 93 -5.99 -13.09 -7.03
C TYR A 93 -6.19 -14.61 -7.05
N CYS A 94 -6.29 -15.12 -8.24
CA CYS A 94 -6.34 -16.53 -8.56
C CYS A 94 -5.09 -16.66 -9.48
N GLN A 95 -4.49 -17.83 -9.34
CA GLN A 95 -3.23 -18.04 -10.05
C GLN A 95 -3.12 -19.41 -10.63
N ASN A 96 -2.49 -19.54 -11.77
CA ASN A 96 -2.14 -20.84 -12.39
C ASN A 96 -0.83 -21.31 -11.78
N ASP A 97 -0.85 -22.36 -10.99
CA ASP A 97 0.43 -22.91 -10.46
C ASP A 97 0.69 -24.23 -11.16
N HIS A 98 0.23 -24.31 -12.37
CA HIS A 98 0.30 -25.49 -13.22
C HIS A 98 1.64 -25.61 -13.91
N SER A 99 1.96 -24.56 -14.67
CA SER A 99 3.24 -24.51 -15.37
C SER A 99 3.59 -23.07 -15.72
N TYR A 100 4.85 -22.98 -16.07
CA TYR A 100 5.60 -21.80 -16.34
C TYR A 100 5.35 -21.15 -17.68
N PRO A 101 5.23 -19.84 -17.70
CA PRO A 101 5.34 -18.99 -16.49
C PRO A 101 4.05 -19.08 -15.72
N LEU A 102 4.09 -18.96 -14.43
CA LEU A 102 2.91 -19.04 -13.53
C LEU A 102 2.22 -17.71 -13.88
N THR A 103 0.93 -17.68 -13.98
CA THR A 103 0.25 -16.41 -14.28
C THR A 103 -0.79 -16.14 -13.21
N PHE A 104 -1.15 -14.88 -13.09
CA PHE A 104 -2.17 -14.36 -12.19
C PHE A 104 -3.27 -13.74 -13.07
N GLY A 105 -4.39 -13.46 -12.49
CA GLY A 105 -5.59 -12.90 -13.12
C GLY A 105 -5.63 -11.44 -12.65
N ALA A 106 -6.40 -10.61 -13.25
CA ALA A 106 -6.48 -9.19 -12.93
C ALA A 106 -6.69 -8.88 -11.47
N GLY A 107 -7.49 -9.67 -10.80
CA GLY A 107 -7.82 -9.32 -9.37
C GLY A 107 -9.28 -8.94 -9.34
N THR A 108 -9.78 -8.84 -8.13
CA THR A 108 -11.17 -8.47 -7.87
C THR A 108 -11.12 -7.76 -6.51
N LYS A 109 -11.37 -6.46 -6.58
CA LYS A 109 -11.38 -5.65 -5.35
C LYS A 109 -12.81 -5.86 -4.75
N LEU A 110 -12.83 -5.97 -3.47
CA LEU A 110 -14.08 -6.10 -2.69
C LEU A 110 -14.08 -4.82 -1.87
N GLU A 111 -15.13 -4.05 -2.04
CA GLU A 111 -15.31 -2.79 -1.28
C GLU A 111 -16.58 -2.98 -0.45
N ILE A 112 -16.71 -2.31 0.63
CA ILE A 112 -17.90 -2.53 1.49
C ILE A 112 -18.74 -1.26 1.39
N LYS A 113 -20.05 -1.42 1.22
CA LYS A 113 -20.99 -0.33 1.17
C LYS A 113 -21.40 -0.15 2.66
N ARG A 114 -21.68 1.09 3.00
CA ARG A 114 -22.13 1.31 4.41
C ARG A 114 -23.02 2.54 4.34
N ALA A 115 -23.58 2.84 5.48
CA ALA A 115 -24.50 3.99 5.65
C ALA A 115 -23.59 5.23 5.63
N ASP A 116 -24.07 6.26 5.00
CA ASP A 116 -23.38 7.54 4.89
C ASP A 116 -22.85 8.03 6.23
N ALA A 117 -21.58 8.31 6.27
CA ALA A 117 -21.00 8.99 7.49
C ALA A 117 -20.54 10.37 7.01
N ALA A 118 -20.45 11.29 7.94
CA ALA A 118 -20.04 12.68 7.62
C ALA A 118 -18.64 12.96 8.18
N PRO A 119 -17.92 13.81 7.45
CA PRO A 119 -16.54 14.12 7.74
C PRO A 119 -16.38 15.02 8.95
N THR A 120 -15.31 14.75 9.65
CA THR A 120 -14.80 15.65 10.72
C THR A 120 -13.71 16.40 9.91
N VAL A 121 -13.58 17.70 10.05
CA VAL A 121 -12.56 18.45 9.32
C VAL A 121 -11.57 19.10 10.27
N SER A 122 -10.37 19.34 9.78
CA SER A 122 -9.33 20.03 10.55
C SER A 122 -8.46 20.90 9.64
N ILE A 123 -8.08 22.04 10.19
CA ILE A 123 -7.17 22.96 9.48
C ILE A 123 -5.96 23.19 10.36
N PHE A 124 -4.80 22.92 9.79
CA PHE A 124 -3.49 23.06 10.46
C PHE A 124 -2.68 24.10 9.67
N PRO A 125 -2.38 25.20 10.35
CA PRO A 125 -1.61 26.30 9.76
C PRO A 125 -0.23 25.79 9.33
N PRO A 126 0.39 26.55 8.46
CA PRO A 126 1.77 26.24 8.02
C PRO A 126 2.61 26.38 9.28
N SER A 127 3.68 25.69 9.28
CA SER A 127 4.64 25.53 10.37
C SER A 127 5.66 26.67 10.31
N SER A 128 6.16 27.06 11.44
CA SER A 128 7.24 28.06 11.46
C SER A 128 8.48 27.42 10.81
N GLU A 129 8.82 26.28 11.43
CA GLU A 129 9.94 25.46 10.93
C GLU A 129 9.98 25.47 9.42
N GLN A 130 8.90 25.44 8.72
CA GLN A 130 8.85 25.37 7.25
C GLN A 130 8.90 26.71 6.54
N LEU A 131 8.25 27.69 7.13
CA LEU A 131 8.23 29.07 6.56
C LEU A 131 9.68 29.45 6.25
N THR A 132 10.41 29.30 7.34
CA THR A 132 11.85 29.58 7.44
C THR A 132 12.59 28.82 6.42
N SER A 133 12.01 28.72 5.21
CA SER A 133 12.56 27.99 4.08
C SER A 133 11.91 28.19 2.72
N GLY A 134 11.01 29.14 2.52
CA GLY A 134 10.38 29.33 1.21
C GLY A 134 8.86 29.09 1.27
N GLY A 135 8.47 27.83 1.49
CA GLY A 135 7.11 27.37 1.51
C GLY A 135 6.31 27.57 2.76
N ALA A 136 5.05 27.28 2.65
CA ALA A 136 4.04 27.33 3.75
C ALA A 136 2.90 26.48 3.15
N SER A 137 2.59 25.42 3.82
CA SER A 137 1.65 24.37 3.39
C SER A 137 0.50 24.33 4.41
N VAL A 138 -0.70 24.58 4.01
CA VAL A 138 -1.86 24.51 4.96
C VAL A 138 -2.47 23.13 4.66
N VAL A 139 -2.55 22.29 5.67
CA VAL A 139 -3.09 20.93 5.48
C VAL A 139 -4.47 20.82 6.11
N CYS A 140 -5.35 20.24 5.32
CA CYS A 140 -6.75 20.04 5.72
C CYS A 140 -7.00 18.53 5.73
N PHE A 141 -7.43 18.08 6.89
CA PHE A 141 -7.68 16.62 7.05
C PHE A 141 -9.20 16.43 7.20
N LEU A 142 -9.76 15.63 6.33
CA LEU A 142 -11.16 15.22 6.36
C LEU A 142 -11.23 13.72 6.72
N ASN A 143 -11.79 13.37 7.85
CA ASN A 143 -11.84 12.04 8.37
C ASN A 143 -13.14 11.29 8.48
N ASN A 144 -13.12 10.01 8.11
CA ASN A 144 -14.18 9.06 8.42
C ASN A 144 -15.53 9.41 7.78
N PHE A 145 -15.52 9.44 6.46
CA PHE A 145 -16.71 9.78 5.68
C PHE A 145 -17.02 8.71 4.64
N TYR A 146 -18.29 8.77 4.21
CA TYR A 146 -18.77 7.79 3.19
C TYR A 146 -19.99 8.42 2.55
N PRO A 147 -20.21 8.37 1.26
CA PRO A 147 -19.33 7.74 0.26
C PRO A 147 -18.11 8.66 0.17
N LYS A 148 -17.19 8.24 -0.65
CA LYS A 148 -15.87 8.81 -0.82
C LYS A 148 -15.89 10.07 -1.63
N ASP A 149 -16.77 10.09 -2.62
CA ASP A 149 -16.89 11.30 -3.48
C ASP A 149 -17.10 12.47 -2.51
N ILE A 150 -16.12 13.37 -2.53
CA ILE A 150 -16.12 14.59 -1.70
C ILE A 150 -15.20 15.62 -2.40
N ASN A 151 -15.74 16.75 -2.74
CA ASN A 151 -14.96 17.86 -3.29
C ASN A 151 -14.62 18.80 -2.13
N VAL A 152 -13.44 19.32 -2.20
CA VAL A 152 -12.82 20.22 -1.22
C VAL A 152 -12.37 21.49 -1.99
N LYS A 153 -12.66 22.61 -1.42
CA LYS A 153 -12.36 23.92 -1.93
C LYS A 153 -11.55 24.76 -0.96
N TRP A 154 -10.57 25.39 -1.56
CA TRP A 154 -9.57 26.22 -0.87
C TRP A 154 -9.71 27.64 -1.46
N LYS A 155 -10.30 28.42 -0.60
CA LYS A 155 -10.58 29.85 -0.75
C LYS A 155 -9.58 30.49 0.22
N ILE A 156 -8.40 30.73 -0.34
CA ILE A 156 -7.24 31.22 0.40
C ILE A 156 -7.67 32.33 1.35
N ASP A 157 -8.11 33.44 0.79
CA ASP A 157 -8.45 34.61 1.66
C ASP A 157 -9.82 35.16 1.30
N GLY A 158 -9.87 35.71 0.08
CA GLY A 158 -11.19 36.27 -0.36
C GLY A 158 -12.06 34.98 -0.48
N SER A 159 -12.17 34.62 -1.70
CA SER A 159 -12.71 33.44 -2.34
C SER A 159 -11.53 33.23 -3.37
N GLU A 160 -11.07 32.02 -3.44
CA GLU A 160 -9.92 31.73 -4.36
C GLU A 160 -10.04 30.24 -4.69
N ARG A 161 -8.96 29.63 -5.15
CA ARG A 161 -9.00 28.20 -5.57
C ARG A 161 -7.88 27.98 -6.57
N GLN A 162 -7.39 26.75 -6.75
CA GLN A 162 -6.25 26.65 -7.71
C GLN A 162 -5.59 25.31 -7.91
N ASN A 163 -4.50 25.40 -8.72
CA ASN A 163 -3.70 24.23 -9.05
C ASN A 163 -2.46 24.13 -8.17
N GLY A 164 -2.53 24.83 -7.04
CA GLY A 164 -1.47 24.69 -6.01
C GLY A 164 -2.04 23.77 -4.91
N VAL A 165 -2.88 22.80 -5.30
CA VAL A 165 -3.54 21.93 -4.31
C VAL A 165 -3.37 20.43 -4.53
N LEU A 166 -2.85 19.70 -3.53
CA LEU A 166 -2.75 18.25 -3.61
C LEU A 166 -3.82 17.61 -2.69
N ASN A 167 -4.36 16.54 -3.19
CA ASN A 167 -5.47 15.79 -2.55
C ASN A 167 -5.15 14.30 -2.61
N SER A 168 -5.42 13.59 -1.52
CA SER A 168 -5.15 12.19 -1.31
C SER A 168 -6.19 11.45 -0.47
N TRP A 169 -6.76 10.42 -1.07
CA TRP A 169 -7.70 9.53 -0.38
C TRP A 169 -6.90 8.33 0.18
N THR A 170 -7.38 7.95 1.32
CA THR A 170 -6.99 6.78 2.11
C THR A 170 -7.79 5.64 1.49
N ASP A 171 -7.48 4.46 1.93
CA ASP A 171 -8.14 3.23 1.39
C ASP A 171 -9.37 3.06 2.25
N GLN A 172 -10.17 2.07 1.97
CA GLN A 172 -11.36 1.88 2.82
C GLN A 172 -10.82 1.41 4.18
N ASP A 173 -11.32 1.99 5.24
CA ASP A 173 -10.95 1.52 6.57
C ASP A 173 -11.51 0.10 6.78
N SER A 174 -10.68 -0.81 7.24
CA SER A 174 -11.11 -2.22 7.43
C SER A 174 -11.75 -2.40 8.80
N LYS A 175 -12.31 -1.31 9.31
CA LYS A 175 -13.02 -1.36 10.61
C LYS A 175 -14.38 -0.76 10.42
N ASP A 176 -14.51 0.41 9.81
CA ASP A 176 -15.78 1.02 9.48
C ASP A 176 -16.00 1.24 7.98
N SER A 177 -15.08 1.03 7.12
CA SER A 177 -15.43 1.22 5.69
C SER A 177 -15.60 2.66 5.29
N THR A 178 -15.17 3.55 6.10
CA THR A 178 -15.10 4.99 5.95
C THR A 178 -13.76 5.33 5.26
N TYR A 179 -13.70 6.43 4.54
CA TYR A 179 -12.50 6.96 3.92
C TYR A 179 -11.97 8.14 4.71
N SER A 180 -10.79 8.58 4.29
CA SER A 180 -10.16 9.84 4.77
C SER A 180 -9.45 10.41 3.54
N MET A 181 -9.17 11.66 3.59
CA MET A 181 -8.49 12.44 2.55
C MET A 181 -7.83 13.58 3.37
N SER A 182 -6.74 14.02 2.87
CA SER A 182 -6.03 15.20 3.33
C SER A 182 -5.99 16.03 2.04
N SER A 183 -6.09 17.31 2.18
CA SER A 183 -5.96 18.27 1.05
C SER A 183 -4.93 19.29 1.53
N THR A 184 -3.93 19.50 0.73
CA THR A 184 -2.80 20.41 1.04
C THR A 184 -2.58 21.49 0.00
N LEU A 185 -2.59 22.71 0.46
CA LEU A 185 -2.39 23.95 -0.35
C LEU A 185 -0.94 24.36 0.05
N THR A 186 -0.02 24.32 -0.87
CA THR A 186 1.34 24.73 -0.48
C THR A 186 1.75 25.92 -1.36
N LEU A 187 1.82 27.06 -0.74
CA LEU A 187 2.26 28.28 -1.51
C LEU A 187 3.60 28.72 -0.97
N THR A 188 4.01 29.94 -1.15
CA THR A 188 5.28 30.55 -0.78
C THR A 188 5.09 31.36 0.49
N LYS A 189 6.11 31.45 1.31
CA LYS A 189 6.07 32.24 2.56
C LYS A 189 5.58 33.65 2.26
N ASP A 190 6.12 34.22 1.20
CA ASP A 190 5.78 35.58 0.74
C ASP A 190 4.26 35.56 0.43
N GLU A 191 4.02 34.78 -0.61
CA GLU A 191 2.64 34.55 -1.11
C GLU A 191 1.74 34.32 0.09
N TYR A 192 2.19 33.34 0.88
CA TYR A 192 1.48 32.93 2.09
C TYR A 192 1.14 34.18 2.91
N GLU A 193 2.22 34.82 3.32
CA GLU A 193 2.12 35.98 4.20
C GLU A 193 1.47 37.19 3.52
N ARG A 194 0.70 37.00 2.47
CA ARG A 194 0.02 38.12 1.79
C ARG A 194 -1.38 38.26 2.40
N HIS A 195 -2.23 37.30 2.11
CA HIS A 195 -3.59 37.20 2.67
C HIS A 195 -3.49 36.69 4.10
N ASN A 196 -4.60 36.31 4.74
CA ASN A 196 -4.49 35.80 6.11
C ASN A 196 -5.65 35.03 6.71
N SER A 197 -6.79 34.99 6.09
CA SER A 197 -7.92 34.15 6.57
C SER A 197 -7.85 33.00 5.54
N TYR A 198 -7.60 31.83 6.06
CA TYR A 198 -7.40 30.63 5.20
C TYR A 198 -8.51 29.64 5.51
N THR A 199 -9.21 29.21 4.48
CA THR A 199 -10.33 28.27 4.84
C THR A 199 -10.26 27.03 3.98
N CYS A 200 -10.92 26.04 4.56
CA CYS A 200 -11.09 24.73 3.89
C CYS A 200 -12.57 24.39 4.05
N GLU A 201 -13.19 23.97 2.97
CA GLU A 201 -14.63 23.62 3.13
C GLU A 201 -15.12 22.62 2.11
N ALA A 202 -15.54 21.47 2.65
CA ALA A 202 -15.97 20.33 1.86
C ALA A 202 -17.50 20.38 1.65
N THR A 203 -17.84 19.70 0.57
CA THR A 203 -19.27 19.62 0.16
C THR A 203 -19.56 18.14 -0.03
N HIS A 204 -20.09 17.57 1.04
CA HIS A 204 -20.44 16.16 1.15
C HIS A 204 -21.94 15.89 1.02
N LYS A 205 -22.25 14.79 0.34
CA LYS A 205 -23.65 14.40 0.10
C LYS A 205 -24.46 14.29 1.37
N THR A 206 -23.80 14.10 2.50
CA THR A 206 -24.45 13.95 3.80
C THR A 206 -25.20 15.20 4.20
N SER A 207 -24.50 16.26 4.47
CA SER A 207 -25.10 17.58 4.82
C SER A 207 -25.21 18.38 3.51
N THR A 208 -25.93 19.47 3.63
CA THR A 208 -26.16 20.35 2.43
C THR A 208 -25.15 21.49 2.52
N SER A 209 -25.13 22.05 3.72
CA SER A 209 -24.18 23.12 4.06
C SER A 209 -22.75 22.66 3.75
N PRO A 210 -22.09 23.40 2.89
CA PRO A 210 -20.66 23.17 2.60
C PRO A 210 -19.98 23.18 3.97
N ILE A 211 -19.15 22.19 4.18
CA ILE A 211 -18.49 22.10 5.55
C ILE A 211 -17.11 22.65 5.40
N VAL A 212 -16.75 23.51 6.35
CA VAL A 212 -15.71 24.53 6.26
C VAL A 212 -14.86 24.80 7.46
N LYS A 213 -13.74 24.11 7.68
CA LYS A 213 -12.86 24.57 8.74
C LYS A 213 -12.12 25.79 8.13
N SER A 214 -11.86 26.75 9.00
CA SER A 214 -11.18 27.97 8.60
C SER A 214 -10.24 28.44 9.73
N PHE A 215 -9.36 29.32 9.29
CA PHE A 215 -8.38 29.95 10.14
C PHE A 215 -7.85 31.21 9.42
N ASN A 216 -7.70 32.22 10.26
CA ASN A 216 -7.09 33.47 9.85
C ASN A 216 -5.89 33.72 10.81
N ARG A 217 -4.83 34.04 10.12
CA ARG A 217 -3.58 34.45 10.75
C ARG A 217 -2.54 34.41 9.64
N ASN A 218 -1.41 35.00 9.96
CA ASN A 218 -0.33 35.02 8.91
C ASN A 218 0.61 36.15 9.26
N GLU A 219 -0.01 37.23 9.77
CA GLU A 219 0.82 38.36 10.29
C GLU A 219 1.76 37.70 11.32
N CYS A 220 1.13 37.01 12.25
CA CYS A 220 1.86 36.22 13.25
C CYS A 220 2.56 35.10 12.44
N GLU B 1 8.15 -20.19 11.98
CA GLU B 1 9.55 -20.10 11.69
C GLU B 1 9.80 -20.06 10.20
N VAL B 2 8.81 -20.35 9.38
CA VAL B 2 9.03 -20.19 7.91
C VAL B 2 8.99 -18.71 7.61
N LYS B 3 10.15 -18.14 7.39
CA LYS B 3 10.27 -16.66 7.14
C LYS B 3 11.06 -16.37 5.88
N LEU B 4 10.70 -15.35 5.14
CA LEU B 4 11.41 -14.91 3.92
C LEU B 4 11.71 -13.41 4.07
N VAL B 5 12.89 -12.93 4.00
CA VAL B 5 13.12 -11.48 4.06
C VAL B 5 13.97 -11.02 2.87
N GLU B 6 13.42 -10.14 2.08
CA GLU B 6 14.16 -9.61 0.90
C GLU B 6 14.59 -8.19 1.18
N SER B 7 15.75 -7.87 0.67
CA SER B 7 16.42 -6.57 0.77
C SER B 7 17.12 -6.23 -0.55
N GLY B 8 17.53 -4.99 -0.63
CA GLY B 8 18.22 -4.45 -1.84
C GLY B 8 17.23 -3.74 -2.73
N GLY B 9 17.02 -2.46 -2.48
CA GLY B 9 16.05 -1.72 -3.28
C GLY B 9 16.00 -0.25 -2.98
N GLY B 10 15.81 0.46 -4.08
CA GLY B 10 15.57 1.91 -4.02
C GLY B 10 15.77 2.38 -5.47
N LEU B 11 16.22 3.60 -5.55
CA LEU B 11 16.51 4.21 -6.85
C LEU B 11 17.71 3.50 -7.48
N VAL B 12 17.70 3.46 -8.78
CA VAL B 12 18.65 3.01 -9.74
C VAL B 12 18.23 3.72 -11.08
N GLN B 13 19.23 4.12 -11.81
CA GLN B 13 19.08 4.81 -13.08
C GLN B 13 18.87 3.81 -14.22
N PRO B 14 18.18 4.30 -15.21
CA PRO B 14 17.95 3.41 -16.40
C PRO B 14 19.36 2.94 -16.76
N GLY B 15 19.54 1.66 -16.95
CA GLY B 15 20.88 1.15 -17.34
C GLY B 15 21.67 0.60 -16.19
N GLY B 16 21.39 0.90 -14.94
CA GLY B 16 22.00 0.33 -13.78
C GLY B 16 21.66 -1.11 -13.46
N SER B 17 21.98 -1.51 -12.24
CA SER B 17 21.81 -2.82 -11.67
C SER B 17 21.52 -2.78 -10.18
N LEU B 18 20.94 -3.89 -9.76
CA LEU B 18 20.66 -4.19 -8.37
C LEU B 18 20.82 -5.75 -8.30
N ARG B 19 21.13 -6.16 -7.13
CA ARG B 19 21.18 -7.50 -6.61
C ARG B 19 20.19 -7.40 -5.39
N LEU B 20 19.06 -8.03 -5.66
CA LEU B 20 17.97 -8.15 -4.64
C LEU B 20 18.29 -9.48 -3.90
N SER B 21 18.13 -9.50 -2.61
CA SER B 21 18.33 -10.74 -1.87
C SER B 21 17.12 -11.10 -1.01
N CYS B 22 16.96 -12.38 -0.80
CA CYS B 22 15.86 -12.96 -0.04
C CYS B 22 16.44 -13.95 0.95
N ALA B 23 16.50 -13.49 2.18
CA ALA B 23 16.94 -14.27 3.33
C ALA B 23 15.76 -15.19 3.73
N THR B 24 16.07 -16.45 3.61
CA THR B 24 15.10 -17.52 3.93
C THR B 24 15.39 -18.29 5.17
N SER B 25 14.63 -18.29 6.24
CA SER B 25 14.93 -19.20 7.38
C SER B 25 13.67 -19.94 7.83
N GLY B 26 13.90 -20.85 8.79
CA GLY B 26 12.93 -21.70 9.40
C GLY B 26 12.67 -22.97 8.61
N PHE B 27 13.46 -23.25 7.58
CA PHE B 27 13.14 -24.49 6.78
C PHE B 27 14.35 -24.86 5.97
N THR B 28 14.39 -26.02 5.40
CA THR B 28 15.46 -26.51 4.56
C THR B 28 15.31 -25.93 3.14
N PHE B 29 16.11 -24.89 2.93
CA PHE B 29 16.02 -24.08 1.73
C PHE B 29 16.44 -24.89 0.52
N SER B 30 17.45 -25.65 0.81
CA SER B 30 18.16 -26.51 -0.15
C SER B 30 17.24 -27.44 -0.88
N ASP B 31 15.96 -27.22 -0.93
CA ASP B 31 15.13 -28.20 -1.64
C ASP B 31 13.63 -27.92 -1.67
N PHE B 32 13.30 -26.66 -1.75
CA PHE B 32 12.07 -26.02 -2.06
C PHE B 32 12.38 -25.04 -3.23
N TYR B 33 11.45 -24.92 -4.16
CA TYR B 33 11.55 -23.98 -5.25
C TYR B 33 11.32 -22.56 -4.67
N MET B 34 12.16 -21.64 -5.11
CA MET B 34 11.97 -20.23 -4.65
C MET B 34 11.59 -19.46 -5.88
N GLU B 35 10.75 -18.46 -5.79
CA GLU B 35 10.16 -17.79 -6.97
C GLU B 35 10.25 -16.29 -6.71
N TRP B 36 10.38 -15.57 -7.81
CA TRP B 36 10.38 -14.09 -7.69
C TRP B 36 9.09 -13.63 -8.36
N VAL B 37 8.44 -12.72 -7.69
CA VAL B 37 7.20 -12.10 -8.22
C VAL B 37 7.34 -10.59 -8.05
N ARG B 38 6.93 -9.83 -9.06
CA ARG B 38 6.89 -8.39 -8.94
C ARG B 38 5.42 -7.91 -9.07
N GLN B 39 5.23 -6.73 -8.56
CA GLN B 39 4.02 -5.96 -8.62
C GLN B 39 4.28 -4.47 -9.00
N PRO B 40 4.09 -4.20 -10.27
CA PRO B 40 4.16 -2.78 -10.76
C PRO B 40 3.06 -2.05 -10.06
N PRO B 41 3.08 -0.74 -10.10
CA PRO B 41 2.13 0.12 -9.38
C PRO B 41 0.69 -0.05 -9.57
N GLY B 42 0.06 -0.13 -10.68
CA GLY B 42 -1.49 -0.32 -10.58
C GLY B 42 -1.71 -1.57 -11.43
N LYS B 43 -1.10 -2.69 -11.00
CA LYS B 43 -1.12 -3.86 -11.88
C LYS B 43 -0.99 -5.13 -11.09
N ARG B 44 -1.33 -6.20 -11.81
CA ARG B 44 -1.43 -7.54 -11.26
C ARG B 44 -0.03 -7.99 -10.83
N LEU B 45 -0.04 -9.11 -10.14
CA LEU B 45 1.21 -9.75 -9.69
C LEU B 45 1.68 -10.35 -11.03
N GLU B 46 2.95 -10.26 -11.26
CA GLU B 46 3.57 -10.81 -12.44
C GLU B 46 4.80 -11.57 -11.88
N TRP B 47 4.98 -12.76 -12.33
CA TRP B 47 6.01 -13.72 -12.01
C TRP B 47 7.19 -13.57 -12.95
N ILE B 48 8.40 -13.67 -12.42
CA ILE B 48 9.67 -13.49 -13.14
C ILE B 48 10.62 -14.62 -13.03
N ALA B 49 11.69 -14.75 -12.34
CA ALA B 49 12.50 -16.02 -12.26
C ALA B 49 11.86 -17.13 -11.44
N ALA B 50 12.56 -18.27 -11.37
CA ALA B 50 12.30 -19.44 -10.53
C ALA B 50 13.56 -20.31 -10.37
N SER B 51 13.79 -20.71 -9.14
CA SER B 51 14.91 -21.61 -8.77
C SER B 51 14.26 -22.97 -8.46
N ARG B 52 15.01 -23.98 -8.23
CA ARG B 52 14.47 -25.33 -8.01
C ARG B 52 15.23 -25.99 -6.89
N ASN B 53 14.65 -27.02 -6.33
CA ASN B 53 15.24 -27.63 -5.12
C ASN B 53 16.53 -28.29 -5.59
N LYS B 54 17.52 -28.26 -4.73
CA LYS B 54 18.78 -29.01 -5.06
C LYS B 54 18.16 -30.39 -5.26
N GLY B 55 17.41 -30.61 -6.25
CA GLY B 55 16.60 -31.92 -6.21
C GLY B 55 16.65 -32.32 -7.67
N ASN B 56 16.52 -31.25 -8.47
CA ASN B 56 16.72 -31.54 -9.93
C ASN B 56 17.60 -30.44 -10.48
N LYS B 57 18.71 -30.24 -9.75
CA LYS B 57 19.74 -29.26 -10.29
C LYS B 57 19.02 -27.93 -10.23
N TYR B 58 19.58 -26.96 -9.58
CA TYR B 58 18.85 -25.68 -9.35
C TYR B 58 18.57 -24.98 -10.66
N THR B 59 17.76 -25.59 -11.47
CA THR B 59 17.34 -25.05 -12.78
C THR B 59 16.62 -23.75 -12.58
N THR B 60 16.55 -22.93 -13.60
CA THR B 60 15.89 -21.62 -13.52
C THR B 60 14.92 -21.50 -14.69
N GLU B 61 14.08 -20.52 -14.59
CA GLU B 61 13.05 -20.21 -15.58
C GLU B 61 12.81 -18.69 -15.44
N TYR B 62 12.75 -18.03 -16.56
CA TYR B 62 12.45 -16.60 -16.56
C TYR B 62 11.26 -16.26 -17.44
N SER B 63 10.52 -15.27 -17.07
CA SER B 63 9.41 -14.75 -17.89
C SER B 63 10.03 -13.98 -19.05
N ALA B 64 9.33 -13.88 -20.14
CA ALA B 64 9.81 -13.14 -21.31
C ALA B 64 10.22 -11.71 -20.93
N SER B 65 9.47 -11.06 -20.09
CA SER B 65 9.68 -9.70 -19.67
C SER B 65 11.14 -9.43 -19.26
N VAL B 66 11.76 -10.47 -18.80
CA VAL B 66 13.03 -10.41 -18.09
C VAL B 66 14.06 -11.41 -18.54
N LYS B 67 13.67 -12.39 -19.33
CA LYS B 67 14.65 -13.44 -19.76
C LYS B 67 15.77 -12.69 -20.44
N GLY B 68 17.02 -12.82 -20.05
CA GLY B 68 18.15 -12.14 -20.69
C GLY B 68 18.81 -11.06 -19.86
N ARG B 69 18.06 -10.35 -19.04
CA ARG B 69 18.57 -9.28 -18.20
C ARG B 69 18.65 -9.66 -16.72
N PHE B 70 17.67 -10.37 -16.20
CA PHE B 70 17.66 -10.87 -14.82
C PHE B 70 18.36 -12.20 -14.66
N ILE B 71 19.07 -12.37 -13.54
CA ILE B 71 19.68 -13.71 -13.26
C ILE B 71 19.45 -14.17 -11.84
N VAL B 72 18.91 -15.37 -11.71
CA VAL B 72 18.61 -15.98 -10.39
C VAL B 72 19.68 -16.95 -9.91
N SER B 73 20.01 -16.88 -8.64
CA SER B 73 21.06 -17.84 -8.10
C SER B 73 20.78 -18.03 -6.62
N ARG B 74 21.42 -18.94 -5.97
CA ARG B 74 21.26 -19.13 -4.51
C ARG B 74 22.61 -19.39 -3.86
N ASP B 75 22.79 -18.78 -2.69
CA ASP B 75 23.95 -19.12 -1.83
C ASP B 75 23.46 -20.23 -0.89
N THR B 76 23.63 -21.45 -1.36
CA THR B 76 23.10 -22.59 -0.59
C THR B 76 23.69 -22.69 0.79
N SER B 77 24.86 -22.17 1.04
CA SER B 77 25.48 -22.35 2.39
C SER B 77 24.82 -21.36 3.33
N GLN B 78 24.50 -20.20 2.73
CA GLN B 78 23.88 -19.15 3.54
C GLN B 78 22.39 -19.10 3.51
N SER B 79 21.76 -19.75 2.56
CA SER B 79 20.29 -19.79 2.54
C SER B 79 19.70 -18.49 2.06
N ILE B 80 20.29 -17.96 1.02
CA ILE B 80 19.88 -16.69 0.39
C ILE B 80 19.60 -16.94 -1.07
N LEU B 81 18.52 -16.40 -1.55
CA LEU B 81 18.17 -16.48 -3.00
C LEU B 81 18.40 -15.05 -3.54
N TYR B 82 19.17 -14.96 -4.59
CA TYR B 82 19.55 -13.68 -5.22
C TYR B 82 18.76 -13.42 -6.49
N LEU B 83 18.59 -12.20 -6.89
CA LEU B 83 18.04 -11.77 -8.16
C LEU B 83 18.93 -10.58 -8.62
N GLN B 84 19.76 -10.92 -9.57
CA GLN B 84 20.66 -9.97 -10.22
C GLN B 84 19.80 -9.32 -11.33
N MET B 85 19.69 -8.03 -11.29
CA MET B 85 18.88 -7.32 -12.28
C MET B 85 19.83 -6.38 -13.03
N ASN B 86 20.02 -6.65 -14.26
CA ASN B 86 20.84 -5.90 -15.20
C ASN B 86 19.91 -5.10 -16.15
N ALA B 87 20.42 -3.99 -16.62
CA ALA B 87 19.78 -3.17 -17.63
C ALA B 87 18.39 -2.79 -17.19
N LEU B 88 18.24 -2.08 -16.07
CA LEU B 88 16.81 -1.81 -15.70
C LEU B 88 16.33 -0.71 -16.65
N ARG B 89 15.05 -0.67 -16.78
CA ARG B 89 14.29 0.34 -17.54
C ARG B 89 13.20 0.75 -16.56
N ALA B 90 12.52 1.83 -16.86
CA ALA B 90 11.48 2.36 -15.95
C ALA B 90 10.47 1.24 -15.63
N GLU B 91 10.17 0.42 -16.65
CA GLU B 91 9.15 -0.58 -16.64
C GLU B 91 9.26 -1.54 -15.45
N ASP B 92 10.42 -1.63 -14.88
CA ASP B 92 10.78 -2.56 -13.84
C ASP B 92 10.50 -2.03 -12.44
N THR B 93 10.00 -0.82 -12.36
CA THR B 93 9.67 -0.22 -11.04
C THR B 93 8.46 -1.00 -10.53
N ALA B 94 8.65 -1.63 -9.41
CA ALA B 94 7.68 -2.50 -8.75
C ALA B 94 8.18 -2.92 -7.37
N ILE B 95 7.28 -3.46 -6.57
CA ILE B 95 7.59 -4.16 -5.30
C ILE B 95 7.96 -5.59 -5.72
N TYR B 96 9.07 -6.08 -5.24
CA TYR B 96 9.55 -7.43 -5.63
C TYR B 96 9.42 -8.28 -4.37
N TYR B 97 8.90 -9.45 -4.55
CA TYR B 97 8.63 -10.41 -3.45
C TYR B 97 9.33 -11.72 -3.78
N CYS B 98 9.82 -12.42 -2.82
CA CYS B 98 10.22 -13.83 -3.06
C CYS B 98 9.08 -14.65 -2.38
N ALA B 99 8.90 -15.86 -2.86
CA ALA B 99 7.87 -16.77 -2.39
C ALA B 99 8.40 -18.19 -2.44
N ARG B 100 7.78 -18.97 -1.56
CA ARG B 100 8.15 -20.45 -1.54
C ARG B 100 7.06 -21.15 -2.34
N ASN B 101 7.43 -21.82 -3.40
CA ASN B 101 6.43 -22.55 -4.24
C ASN B 101 6.40 -23.96 -3.64
N TYR B 102 5.52 -24.11 -2.67
CA TYR B 102 5.36 -25.41 -1.97
C TYR B 102 4.67 -26.39 -2.90
N TYR B 103 5.00 -27.66 -2.65
CA TYR B 103 4.35 -28.76 -3.38
C TYR B 103 4.00 -29.92 -2.43
N GLY B 104 2.75 -30.27 -2.33
CA GLY B 104 2.31 -31.41 -1.48
C GLY B 104 1.37 -32.25 -2.37
N SER B 105 0.19 -31.71 -2.44
CA SER B 105 -0.84 -32.40 -3.32
C SER B 105 -0.60 -31.80 -4.71
N THR B 106 -0.64 -30.49 -4.64
CA THR B 106 -0.60 -29.46 -5.65
C THR B 106 0.51 -28.46 -5.40
N TRP B 107 0.72 -27.49 -6.31
CA TRP B 107 1.71 -26.42 -6.03
C TRP B 107 0.95 -25.19 -5.52
N TYR B 108 1.56 -24.44 -4.63
CA TYR B 108 0.92 -23.16 -4.17
C TYR B 108 1.98 -22.33 -3.50
N PHE B 109 1.81 -21.06 -3.22
CA PHE B 109 2.84 -20.24 -2.56
C PHE B 109 2.35 -20.13 -1.12
N ASP B 110 3.00 -20.83 -0.24
CA ASP B 110 2.54 -20.87 1.17
C ASP B 110 3.05 -19.72 1.98
N VAL B 111 4.22 -19.20 1.63
CA VAL B 111 4.88 -18.09 2.36
C VAL B 111 5.47 -17.09 1.37
N TRP B 112 5.17 -15.83 1.60
CA TRP B 112 5.68 -14.71 0.79
C TRP B 112 6.55 -13.81 1.69
N GLY B 113 7.40 -13.00 1.11
CA GLY B 113 8.20 -12.03 1.87
C GLY B 113 7.29 -10.79 1.96
N ALA B 114 7.78 -9.73 2.55
CA ALA B 114 7.16 -8.46 2.72
C ALA B 114 7.28 -7.53 1.53
N GLY B 115 8.21 -7.77 0.66
CA GLY B 115 8.50 -6.92 -0.51
C GLY B 115 9.69 -5.97 -0.27
N THR B 116 10.19 -5.54 -1.42
CA THR B 116 11.27 -4.52 -1.53
C THR B 116 11.02 -3.70 -2.80
N THR B 117 11.00 -2.40 -2.66
CA THR B 117 10.70 -1.46 -3.74
C THR B 117 11.94 -1.04 -4.48
N VAL B 118 11.84 -1.19 -5.77
CA VAL B 118 12.86 -0.80 -6.76
C VAL B 118 12.18 0.23 -7.70
N THR B 119 12.67 1.44 -7.62
CA THR B 119 12.25 2.53 -8.54
C THR B 119 13.36 2.74 -9.59
N VAL B 120 13.06 2.56 -10.86
CA VAL B 120 14.06 2.82 -11.90
C VAL B 120 13.73 4.20 -12.48
N SER B 121 14.53 5.18 -12.08
CA SER B 121 14.36 6.57 -12.45
C SER B 121 15.69 7.27 -12.70
N SER B 122 15.60 8.23 -13.62
CA SER B 122 16.68 9.16 -13.94
C SER B 122 16.89 10.19 -12.82
N GLU B 123 15.77 10.57 -12.23
CA GLU B 123 15.79 11.49 -11.09
C GLU B 123 16.68 10.91 -9.98
N SER B 124 16.63 11.62 -8.88
CA SER B 124 17.49 11.31 -7.75
C SER B 124 16.92 11.66 -6.40
N ALA B 125 17.43 10.95 -5.46
CA ALA B 125 17.10 10.97 -4.04
C ALA B 125 17.05 12.37 -3.46
N ARG B 126 15.99 12.61 -2.76
CA ARG B 126 15.70 13.77 -1.90
C ARG B 126 15.00 13.09 -0.71
N ASN B 127 15.57 13.12 0.43
CA ASN B 127 15.01 12.58 1.69
C ASN B 127 13.92 13.59 2.08
N PRO B 128 12.88 13.14 2.72
CA PRO B 128 11.81 14.05 3.16
C PRO B 128 12.41 14.96 4.23
N THR B 129 11.64 15.97 4.48
CA THR B 129 11.93 17.00 5.53
C THR B 129 10.60 16.97 6.26
N ILE B 130 10.63 16.41 7.45
CA ILE B 130 9.47 16.25 8.32
C ILE B 130 9.19 17.57 9.07
N TYR B 131 8.02 18.10 8.88
CA TYR B 131 7.51 19.30 9.56
C TYR B 131 6.40 18.87 10.52
N PRO B 132 6.37 19.48 11.67
CA PRO B 132 5.35 19.17 12.69
C PRO B 132 4.00 19.74 12.27
N LEU B 133 2.93 19.03 12.57
CA LEU B 133 1.53 19.45 12.40
C LEU B 133 0.85 19.54 13.79
N THR B 134 0.72 20.71 14.34
CA THR B 134 0.10 20.96 15.64
C THR B 134 -0.86 22.15 15.48
N LEU B 135 -1.72 22.35 16.46
CA LEU B 135 -2.70 23.44 16.40
C LEU B 135 -2.60 24.26 17.70
N PRO B 136 -2.69 25.57 17.47
CA PRO B 136 -2.64 26.56 18.57
C PRO B 136 -3.83 26.23 19.47
N PRO B 137 -3.54 26.08 20.74
CA PRO B 137 -4.59 25.72 21.72
C PRO B 137 -5.72 26.73 21.62
N ALA B 138 -6.35 26.76 20.48
CA ALA B 138 -7.44 27.62 20.06
C ALA B 138 -8.13 26.89 18.87
N LEU B 139 -7.64 25.65 18.73
CA LEU B 139 -8.06 24.79 17.64
C LEU B 139 -8.30 23.36 18.11
N SER B 140 -7.71 23.00 19.24
CA SER B 140 -7.88 21.64 19.77
C SER B 140 -9.14 21.56 20.65
N SER B 141 -10.06 20.74 20.21
CA SER B 141 -11.32 20.53 20.94
C SER B 141 -11.25 19.22 21.71
N ASP B 142 -10.15 18.49 21.59
CA ASP B 142 -10.01 17.19 22.27
C ASP B 142 -11.03 16.23 21.65
N PRO B 143 -10.58 15.08 21.16
CA PRO B 143 -9.20 14.64 21.12
C PRO B 143 -8.31 15.64 20.39
N VAL B 144 -7.04 15.54 20.69
CA VAL B 144 -6.00 16.36 20.04
C VAL B 144 -5.74 15.71 18.68
N ILE B 145 -5.18 16.43 17.74
CA ILE B 145 -4.84 15.93 16.42
C ILE B 145 -3.43 16.50 16.14
N ILE B 146 -2.60 15.56 15.76
CA ILE B 146 -1.14 15.96 15.58
C ILE B 146 -0.77 15.19 14.31
N GLY B 147 0.24 15.64 13.63
CA GLY B 147 0.78 14.80 12.51
C GLY B 147 2.19 15.29 12.20
N CYS B 148 2.72 14.69 11.18
CA CYS B 148 3.96 15.00 10.53
C CYS B 148 3.70 15.12 9.02
N LEU B 149 4.11 16.27 8.45
CA LEU B 149 4.09 16.32 6.98
C LEU B 149 5.51 15.91 6.52
N ILE B 150 5.51 14.86 5.77
CA ILE B 150 6.67 14.19 5.19
C ILE B 150 6.78 14.78 3.80
N HIS B 151 7.76 15.66 3.62
CA HIS B 151 7.72 16.55 2.44
C HIS B 151 8.91 16.67 1.55
N ASP B 152 8.54 16.61 0.26
CA ASP B 152 9.39 16.81 -0.91
C ASP B 152 10.46 15.72 -0.87
N TYR B 153 10.14 14.56 -1.41
CA TYR B 153 11.11 13.46 -1.42
C TYR B 153 10.91 12.60 -2.66
N PHE B 154 11.95 11.79 -2.88
CA PHE B 154 12.08 10.95 -4.07
C PHE B 154 13.01 9.77 -3.75
N PRO B 155 12.62 8.57 -4.07
CA PRO B 155 11.39 8.19 -4.76
C PRO B 155 10.22 8.06 -3.80
N SER B 156 9.12 7.50 -4.31
CA SER B 156 7.97 7.26 -3.41
C SER B 156 8.28 5.91 -2.76
N GLY B 157 8.54 4.94 -3.62
CA GLY B 157 8.84 3.58 -3.04
C GLY B 157 7.81 3.35 -1.91
N THR B 158 8.32 2.98 -0.78
CA THR B 158 7.64 2.60 0.44
C THR B 158 7.99 3.42 1.67
N MET B 159 6.98 3.87 2.38
CA MET B 159 7.06 4.68 3.59
C MET B 159 6.28 4.02 4.74
N ASN B 160 7.03 3.58 5.73
CA ASN B 160 6.42 3.06 6.97
C ASN B 160 6.51 4.24 7.94
N VAL B 161 5.42 4.66 8.55
CA VAL B 161 5.34 5.71 9.54
C VAL B 161 4.67 5.17 10.82
N THR B 162 5.29 5.41 11.94
CA THR B 162 4.93 4.91 13.25
C THR B 162 4.92 6.03 14.30
N TRP B 163 4.09 5.87 15.30
CA TRP B 163 4.12 6.85 16.41
C TRP B 163 4.63 6.20 17.68
N GLY B 164 5.24 7.03 18.50
CA GLY B 164 5.75 6.65 19.82
C GLY B 164 4.53 6.66 20.76
N LYS B 165 3.46 6.09 20.23
CA LYS B 165 2.21 6.01 21.01
C LYS B 165 1.24 5.04 20.36
N SER B 166 0.60 4.30 21.26
CA SER B 166 -0.45 3.35 20.89
C SER B 166 -1.22 2.91 22.13
N GLY B 167 -2.30 2.20 21.77
CA GLY B 167 -3.23 1.65 22.75
C GLY B 167 -4.66 1.68 22.18
N LYS B 168 -5.56 1.77 23.14
CA LYS B 168 -7.01 1.77 22.92
C LYS B 168 -7.35 2.95 22.01
N ASP B 169 -7.65 4.10 22.60
CA ASP B 169 -7.95 5.28 21.82
C ASP B 169 -6.64 5.88 21.24
N ILE B 170 -6.45 5.82 19.98
CA ILE B 170 -5.29 6.48 19.34
C ILE B 170 -5.29 5.88 17.91
N THR B 171 -5.62 6.72 16.97
CA THR B 171 -5.69 6.27 15.57
C THR B 171 -4.53 6.93 14.80
N THR B 172 -4.04 6.20 13.84
CA THR B 172 -3.07 6.71 12.87
C THR B 172 -3.69 6.59 11.48
N VAL B 173 -3.59 7.68 10.72
CA VAL B 173 -3.98 7.65 9.31
C VAL B 173 -2.73 8.09 8.53
N ASN B 174 -2.23 7.25 7.69
CA ASN B 174 -1.06 7.62 6.83
C ASN B 174 -1.65 7.80 5.41
N PHE B 175 -1.50 8.99 4.84
CA PHE B 175 -2.11 9.24 3.50
C PHE B 175 -1.07 8.83 2.47
N PRO B 176 -1.50 8.30 1.36
CA PRO B 176 -0.56 7.91 0.30
C PRO B 176 0.14 9.22 -0.13
N PRO B 177 1.30 9.07 -0.76
CA PRO B 177 2.06 10.17 -1.31
C PRO B 177 1.41 10.75 -2.55
N ALA B 178 1.61 12.02 -2.78
CA ALA B 178 1.06 12.80 -3.92
C ALA B 178 2.21 13.49 -4.66
N LEU B 179 2.28 13.41 -5.96
CA LEU B 179 3.32 14.09 -6.77
C LEU B 179 3.01 15.60 -6.81
N ALA B 180 3.91 16.41 -6.32
CA ALA B 180 3.76 17.86 -6.27
C ALA B 180 4.30 18.54 -7.51
N SER B 181 4.92 19.69 -7.24
CA SER B 181 5.54 20.52 -8.34
C SER B 181 7.05 20.31 -8.18
N GLY B 182 7.58 19.52 -9.10
CA GLY B 182 9.06 19.25 -8.98
C GLY B 182 9.25 17.82 -9.51
N GLY B 183 8.20 17.04 -9.25
CA GLY B 183 8.28 15.61 -9.70
C GLY B 183 8.61 14.84 -8.40
N ARG B 184 8.32 15.53 -7.31
CA ARG B 184 8.47 15.01 -5.96
C ARG B 184 7.16 14.98 -5.17
N TYR B 185 7.21 14.08 -4.21
CA TYR B 185 6.12 13.65 -3.34
C TYR B 185 6.02 14.30 -2.00
N THR B 186 4.83 14.20 -1.43
CA THR B 186 4.49 14.59 -0.08
C THR B 186 3.42 13.62 0.46
N MET B 187 3.54 13.36 1.73
CA MET B 187 2.58 12.51 2.46
C MET B 187 2.45 13.15 3.85
N SER B 188 1.45 12.83 4.56
CA SER B 188 1.11 13.22 5.88
C SER B 188 0.68 11.92 6.61
N ASN B 189 0.67 12.08 7.87
CA ASN B 189 0.40 10.96 8.79
C ASN B 189 -0.19 11.61 10.04
N GLN B 190 -1.41 11.33 10.40
CA GLN B 190 -1.99 12.02 11.58
C GLN B 190 -2.26 10.97 12.64
N LEU B 191 -2.16 11.41 13.85
CA LEU B 191 -2.33 10.64 15.08
C LEU B 191 -3.28 11.48 15.94
N THR B 192 -4.37 10.79 16.27
CA THR B 192 -5.43 11.42 17.12
C THR B 192 -5.48 10.60 18.39
N LEU B 193 -5.62 11.28 19.53
CA LEU B 193 -5.49 10.56 20.82
C LEU B 193 -6.10 11.30 21.97
N PRO B 194 -6.56 10.55 22.98
CA PRO B 194 -7.15 11.14 24.19
C PRO B 194 -6.34 12.37 24.60
N ALA B 195 -7.01 13.51 24.75
CA ALA B 195 -6.36 14.75 25.14
C ALA B 195 -5.55 14.61 26.40
N VAL B 196 -5.75 13.62 27.24
CA VAL B 196 -4.99 13.51 28.49
C VAL B 196 -3.78 12.60 28.21
N GLU B 197 -3.68 12.27 26.94
CA GLU B 197 -2.62 11.37 26.47
C GLU B 197 -1.63 12.18 25.63
N CYS B 198 -1.93 13.48 25.61
CA CYS B 198 -1.09 14.39 24.80
C CYS B 198 -1.35 15.81 25.27
N PRO B 199 -1.17 15.96 26.56
CA PRO B 199 -1.30 17.26 27.25
C PRO B 199 -0.33 18.26 26.63
N GLU B 200 0.58 18.75 27.45
CA GLU B 200 1.47 19.85 27.03
C GLU B 200 2.94 19.63 27.30
N GLY B 201 3.75 20.36 26.55
CA GLY B 201 5.22 20.23 26.77
C GLY B 201 5.59 18.74 26.79
N GLU B 202 4.74 17.92 26.19
CA GLU B 202 5.06 16.47 26.11
C GLU B 202 5.64 16.19 24.74
N SER B 203 4.86 15.71 23.83
CA SER B 203 5.35 15.47 22.45
C SER B 203 5.36 13.96 22.22
N VAL B 204 5.14 13.60 20.99
CA VAL B 204 5.11 12.23 20.51
C VAL B 204 6.00 12.25 19.25
N LYS B 205 6.84 11.26 19.17
CA LYS B 205 7.75 11.11 18.03
C LYS B 205 7.05 10.33 16.92
N CYS B 206 7.19 10.88 15.74
CA CYS B 206 6.73 10.20 14.51
C CYS B 206 8.02 9.72 13.82
N SER B 207 7.99 8.47 13.40
CA SER B 207 9.16 7.87 12.74
C SER B 207 8.87 7.52 11.33
N VAL B 208 9.60 7.99 10.36
CA VAL B 208 9.47 7.55 8.96
C VAL B 208 10.61 6.57 8.62
N GLN B 209 10.22 5.52 7.93
CA GLN B 209 11.22 4.56 7.38
C GLN B 209 10.89 4.47 5.89
N HIS B 210 11.84 4.88 5.10
CA HIS B 210 11.66 5.03 3.64
C HIS B 210 12.48 4.00 2.91
N ASP B 211 11.80 3.18 2.13
CA ASP B 211 12.48 2.18 1.31
C ASP B 211 13.56 1.58 2.26
N SER B 212 14.75 1.70 1.74
CA SER B 212 16.02 1.18 2.10
C SER B 212 16.85 1.86 3.17
N ASN B 213 16.56 3.06 3.58
CA ASN B 213 17.37 3.88 4.46
C ASN B 213 17.03 3.94 5.94
N PRO B 214 17.93 4.61 6.68
CA PRO B 214 17.73 4.85 8.11
C PRO B 214 16.46 5.60 8.47
N VAL B 215 16.01 5.31 9.66
CA VAL B 215 14.76 5.87 10.25
C VAL B 215 15.07 7.37 10.26
N GLN B 216 14.17 8.25 10.23
CA GLN B 216 14.28 9.70 10.32
C GLN B 216 13.11 10.06 11.29
N GLU B 217 13.36 10.92 12.25
CA GLU B 217 12.30 11.18 13.25
C GLU B 217 12.20 12.59 13.76
N LEU B 218 11.01 12.95 14.13
CA LEU B 218 10.61 14.24 14.68
C LEU B 218 9.71 13.97 15.90
N ASP B 219 9.71 14.91 16.78
CA ASP B 219 8.94 15.08 17.97
C ASP B 219 7.98 16.29 17.70
N VAL B 220 6.73 15.94 17.76
CA VAL B 220 5.66 16.95 17.54
C VAL B 220 5.03 17.23 18.91
N ASN B 221 4.91 18.52 19.18
CA ASN B 221 4.29 18.96 20.43
C ASN B 221 2.77 18.83 20.26
N CYS B 222 2.19 18.38 21.34
CA CYS B 222 0.73 18.19 21.44
C CYS B 222 0.00 19.50 21.18
S SO4 C . 8.62 -28.04 -13.02
O1 SO4 C . 8.51 -29.31 -13.79
O2 SO4 C . 9.67 -28.21 -11.95
O3 SO4 C . 9.04 -26.97 -14.01
O4 SO4 C . 7.31 -27.63 -12.41
#